data_7G8T
#
_entry.id   7G8T
#
_cell.length_a   71.038
_cell.length_b   71.038
_cell.length_c   196.314
_cell.angle_alpha   90.000
_cell.angle_beta   90.000
_cell.angle_gamma   90.000
#
_symmetry.space_group_name_H-M   'P 43 21 2'
#
loop_
_entity.id
_entity.type
_entity.pdbx_description
1 polymer 'Transforming protein RhoA'
2 polymer 'Rho guanine nucleotide exchange factor 2'
3 non-polymer 'DIMETHYL SULFOXIDE'
4 non-polymer 'FORMIC ACID'
5 non-polymer 2-ethoxy-3-fluoro-N,N-dimethylbenzamide
6 water water
#
loop_
_entity_poly.entity_id
_entity_poly.type
_entity_poly.pdbx_seq_one_letter_code
_entity_poly.pdbx_strand_id
1 'polypeptide(L)'
;SMAAIRKKLVIVGDGACGKTCLLIVFSKDQFPEVYVPTVFENYVADIEVDGKQVELALWDTAGQEDYDRLRPLSYPDTDV
ILMCFSIDSPDSLENIPEKWTPEVKHFCPNVPIILVGNKKDLRNDEHTRRELAKMKQEPVKPEEGRDMANRIGAFGYMEC
SAKTKDGVREVFEMATRAALQARRG
;
A
2 'polypeptide(L)'
;SMEMDEKDFAADSWSLAVDSSFLQQHKKEVMKQQDVIYELIQTELHHVRTLKIMTRLFRTGMLEELHLEPGVVQGLFPCV
DELSDIHTRFLSQLLERRRQALCPGSTRNFVIHRLGDLLISQFSGPSAEQMCKTYSEFCSRHSKALKLYKELYARDKRFQ
QFIRKVTRPAVLKRHGVQECILLVTQRITKYPLLISRILQHSHGIEEERQDLTTALGLVKELLSNVDEGIYQLEKGARLQ
EIYNR
;
B
#
loop_
_chem_comp.id
_chem_comp.type
_chem_comp.name
_chem_comp.formula
DMS non-polymer 'DIMETHYL SULFOXIDE' 'C2 H6 O S'
FMT non-polymer 'FORMIC ACID' 'C H2 O2'
Z4X non-polymer 2-ethoxy-3-fluoro-N,N-dimethylbenzamide 'C11 H14 F N O2'
#
# COMPACT_ATOMS: atom_id res chain seq x y z
N ALA A 4 7.20 -9.24 22.47
CA ALA A 4 7.27 -8.04 21.63
C ALA A 4 5.95 -7.28 21.62
N ILE A 5 6.00 -5.96 21.71
CA ILE A 5 4.79 -5.15 21.65
C ILE A 5 4.64 -4.68 20.19
N ARG A 6 3.41 -4.51 19.74
CA ARG A 6 3.12 -4.10 18.35
C ARG A 6 2.91 -2.59 18.27
N LYS A 7 3.59 -1.96 17.31
CA LYS A 7 3.48 -0.52 17.05
C LYS A 7 3.28 -0.30 15.57
N LYS A 8 2.66 0.80 15.19
CA LYS A 8 2.35 1.12 13.79
C LYS A 8 3.05 2.40 13.34
N LEU A 9 3.74 2.33 12.18
CA LEU A 9 4.42 3.46 11.60
C LEU A 9 3.77 3.75 10.23
N VAL A 10 3.58 5.03 9.92
CA VAL A 10 3.08 5.48 8.64
C VAL A 10 4.04 6.54 8.09
N ILE A 11 4.39 6.47 6.78
CA ILE A 11 5.22 7.47 6.16
CA ILE A 11 5.22 7.46 6.13
C ILE A 11 4.36 8.33 5.24
N VAL A 12 4.55 9.63 5.37
CA VAL A 12 3.83 10.61 4.57
CA VAL A 12 3.81 10.68 4.72
C VAL A 12 4.80 11.55 3.91
N GLY A 13 4.33 12.25 2.89
CA GLY A 13 5.17 13.18 2.13
C GLY A 13 4.75 13.21 0.66
N ASP A 14 5.30 14.16 -0.11
CA ASP A 14 4.91 14.30 -1.50
C ASP A 14 5.30 13.08 -2.34
N GLY A 15 4.66 12.95 -3.50
CA GLY A 15 4.98 11.84 -4.41
C GLY A 15 6.46 11.69 -4.76
N ALA A 16 7.23 12.79 -4.87
CA ALA A 16 8.67 12.66 -5.21
C ALA A 16 9.64 12.53 -4.01
N CYS A 17 9.12 12.21 -2.82
CA CYS A 17 9.94 12.25 -1.62
C CYS A 17 10.78 11.00 -1.40
N GLY A 18 10.55 9.87 -2.06
CA GLY A 18 11.34 8.66 -1.83
C GLY A 18 10.81 7.76 -0.71
N LYS A 19 9.56 7.98 -0.24
CA LYS A 19 9.06 7.17 0.87
CA LYS A 19 9.01 7.16 0.84
C LYS A 19 8.92 5.70 0.53
N THR A 20 8.48 5.35 -0.70
CA THR A 20 8.32 3.94 -1.04
C THR A 20 9.67 3.24 -1.05
N CYS A 21 10.66 3.87 -1.66
CA CYS A 21 12.00 3.28 -1.72
CA CYS A 21 12.00 3.29 -1.74
C CYS A 21 12.59 3.10 -0.35
N LEU A 22 12.37 4.07 0.55
CA LEU A 22 12.88 3.93 1.91
C LEU A 22 12.30 2.68 2.61
N LEU A 23 10.97 2.47 2.50
CA LEU A 23 10.36 1.29 3.13
C LEU A 23 10.88 -0.02 2.48
N ILE A 24 11.05 -0.02 1.15
CA ILE A 24 11.56 -1.22 0.46
C ILE A 24 12.97 -1.55 0.94
N VAL A 25 13.85 -0.54 1.00
CA VAL A 25 15.25 -0.81 1.37
C VAL A 25 15.33 -1.27 2.82
N PHE A 26 14.57 -0.63 3.74
CA PHE A 26 14.61 -1.09 5.12
C PHE A 26 14.10 -2.54 5.27
N SER A 27 12.95 -2.84 4.62
CA SER A 27 12.34 -4.15 4.82
C SER A 27 13.16 -5.28 4.20
N LYS A 28 13.98 -4.99 3.20
CA LYS A 28 14.83 -6.03 2.60
C LYS A 28 16.27 -5.97 3.14
N ASP A 29 16.67 -4.89 3.85
CA ASP A 29 18.06 -4.59 4.25
C ASP A 29 18.96 -4.62 2.99
N GLN A 30 18.44 -4.06 1.88
CA GLN A 30 19.14 -4.12 0.60
C GLN A 30 18.50 -3.15 -0.38
N PHE A 31 19.31 -2.48 -1.23
CA PHE A 31 18.73 -1.72 -2.34
C PHE A 31 18.67 -2.78 -3.45
N PRO A 32 17.48 -3.12 -3.93
CA PRO A 32 17.35 -4.19 -4.95
C PRO A 32 18.32 -4.08 -6.12
N GLU A 33 19.01 -5.18 -6.43
CA GLU A 33 19.99 -5.16 -7.52
C GLU A 33 19.40 -5.46 -8.89
N VAL A 34 18.19 -6.05 -8.94
CA VAL A 34 17.62 -6.44 -10.23
C VAL A 34 16.38 -5.63 -10.55
N TYR A 35 15.46 -5.52 -9.60
CA TYR A 35 14.21 -4.78 -9.87
C TYR A 35 13.79 -4.02 -8.65
N VAL A 36 13.56 -2.71 -8.78
CA VAL A 36 13.07 -1.92 -7.64
C VAL A 36 11.55 -1.90 -7.74
N PRO A 37 10.82 -2.43 -6.75
CA PRO A 37 9.37 -2.41 -6.84
C PRO A 37 8.74 -1.04 -6.99
N THR A 38 7.61 -0.99 -7.72
CA THR A 38 6.85 0.24 -7.88
C THR A 38 6.06 0.56 -6.61
N VAL A 39 5.55 -0.47 -5.94
CA VAL A 39 4.69 -0.25 -4.77
C VAL A 39 5.15 -1.07 -3.56
N PHE A 40 4.64 -0.70 -2.37
CA PHE A 40 4.96 -1.38 -1.14
C PHE A 40 3.58 -1.72 -0.53
N GLU A 41 3.38 -3.01 -0.15
CA GLU A 41 2.09 -3.45 0.42
C GLU A 41 2.05 -3.13 1.91
N ASN A 42 2.72 -3.94 2.72
CA ASN A 42 2.97 -3.63 4.16
C ASN A 42 4.11 -4.55 4.60
N TYR A 43 4.54 -4.41 5.85
CA TYR A 43 5.59 -5.27 6.36
C TYR A 43 5.55 -5.15 7.87
N VAL A 44 5.92 -6.20 8.60
CA VAL A 44 6.02 -6.10 10.05
C VAL A 44 7.46 -6.43 10.41
N ALA A 45 8.22 -5.38 10.80
CA ALA A 45 9.64 -5.57 11.12
C ALA A 45 9.86 -5.98 12.55
N ASP A 46 10.80 -6.91 12.79
CA ASP A 46 11.18 -7.26 14.16
C ASP A 46 12.38 -6.39 14.50
N ILE A 47 12.21 -5.49 15.46
CA ILE A 47 13.27 -4.52 15.81
CA ILE A 47 13.32 -4.61 15.81
C ILE A 47 13.53 -4.60 17.31
N GLU A 48 14.79 -4.62 17.74
CA GLU A 48 15.10 -4.56 19.17
CA GLU A 48 15.10 -4.57 19.17
C GLU A 48 15.86 -3.27 19.37
N VAL A 49 15.29 -2.31 20.12
CA VAL A 49 15.97 -1.02 20.29
C VAL A 49 16.14 -0.76 21.78
N ASP A 50 17.37 -0.50 22.23
CA ASP A 50 17.64 -0.24 23.63
C ASP A 50 17.09 -1.33 24.56
N GLY A 51 17.18 -2.57 24.08
CA GLY A 51 16.78 -3.75 24.84
C GLY A 51 15.31 -4.10 24.79
N LYS A 52 14.52 -3.34 24.02
CA LYS A 52 13.07 -3.58 23.94
C LYS A 52 12.71 -4.14 22.58
N GLN A 53 11.98 -5.28 22.58
CA GLN A 53 11.56 -5.92 21.34
CA GLN A 53 11.56 -5.93 21.35
C GLN A 53 10.22 -5.40 20.86
N VAL A 54 10.18 -4.95 19.58
CA VAL A 54 8.94 -4.43 19.02
C VAL A 54 8.63 -5.09 17.65
N GLU A 55 7.36 -5.30 17.35
CA GLU A 55 6.90 -5.67 16.01
C GLU A 55 6.42 -4.36 15.40
N LEU A 56 7.14 -3.80 14.44
CA LEU A 56 6.80 -2.47 13.90
C LEU A 56 6.13 -2.64 12.54
N ALA A 57 4.82 -2.40 12.47
CA ALA A 57 4.11 -2.51 11.19
C ALA A 57 4.36 -1.27 10.37
N LEU A 58 4.69 -1.43 9.09
CA LEU A 58 5.11 -0.31 8.19
C LEU A 58 4.08 -0.09 7.12
N TRP A 59 3.69 1.17 6.88
CA TRP A 59 2.72 1.55 5.86
C TRP A 59 3.16 2.74 5.05
N ASP A 60 2.85 2.73 3.75
CA ASP A 60 3.14 3.82 2.82
C ASP A 60 1.81 4.53 2.48
N THR A 61 1.87 5.82 2.20
CA THR A 61 0.69 6.58 1.73
C THR A 61 0.83 6.91 0.23
N ALA A 62 1.86 6.37 -0.48
CA ALA A 62 2.01 6.61 -1.91
C ALA A 62 0.74 6.19 -2.65
N GLY A 63 0.33 7.03 -3.60
CA GLY A 63 -0.86 6.83 -4.39
C GLY A 63 -2.08 7.49 -3.76
N GLN A 64 -1.98 7.90 -2.48
CA GLN A 64 -3.14 8.52 -1.81
C GLN A 64 -3.03 10.06 -1.76
N GLU A 65 -1.95 10.66 -2.30
CA GLU A 65 -1.73 12.10 -2.17
C GLU A 65 -2.84 12.97 -2.78
N ASP A 66 -3.54 12.49 -3.83
CA ASP A 66 -4.59 13.28 -4.49
C ASP A 66 -6.01 12.99 -3.95
N TYR A 67 -6.16 12.08 -2.97
CA TYR A 67 -7.47 11.58 -2.51
C TYR A 67 -7.67 11.84 -1.03
N ASP A 68 -8.25 13.02 -0.73
CA ASP A 68 -8.32 13.51 0.64
C ASP A 68 -9.26 12.76 1.59
N ARG A 69 -10.15 11.93 1.07
CA ARG A 69 -11.01 11.10 1.92
C ARG A 69 -10.49 9.68 2.05
N LEU A 70 -9.74 9.20 1.04
CA LEU A 70 -9.15 7.86 1.19
C LEU A 70 -7.91 7.92 2.07
N ARG A 71 -7.07 8.97 1.89
CA ARG A 71 -5.78 9.02 2.58
C ARG A 71 -5.86 8.94 4.09
N PRO A 72 -6.80 9.64 4.75
CA PRO A 72 -6.83 9.55 6.22
C PRO A 72 -7.17 8.17 6.76
N LEU A 73 -7.69 7.26 5.92
CA LEU A 73 -7.93 5.88 6.41
C LEU A 73 -6.62 5.14 6.72
N SER A 74 -5.47 5.68 6.27
CA SER A 74 -4.18 5.11 6.64
C SER A 74 -3.78 5.48 8.11
N TYR A 75 -4.39 6.54 8.71
CA TYR A 75 -3.89 7.02 10.00
C TYR A 75 -4.38 6.34 11.29
N PRO A 76 -5.56 5.68 11.41
CA PRO A 76 -5.97 5.18 12.74
C PRO A 76 -4.91 4.40 13.51
N ASP A 77 -4.75 4.72 14.79
CA ASP A 77 -3.86 4.03 15.70
C ASP A 77 -2.42 4.01 15.28
N THR A 78 -1.96 5.06 14.58
CA THR A 78 -0.54 5.20 14.27
C THR A 78 0.20 5.57 15.56
N ASP A 79 1.40 4.99 15.77
CA ASP A 79 2.23 5.29 16.94
C ASP A 79 3.40 6.20 16.60
N VAL A 80 3.82 6.27 15.32
CA VAL A 80 4.91 7.15 14.90
C VAL A 80 4.69 7.50 13.45
N ILE A 81 4.93 8.77 13.12
CA ILE A 81 4.92 9.25 11.74
C ILE A 81 6.31 9.59 11.23
N LEU A 82 6.67 9.07 10.05
CA LEU A 82 7.85 9.59 9.36
C LEU A 82 7.33 10.58 8.32
N MET A 83 7.75 11.84 8.40
CA MET A 83 7.31 12.86 7.46
CA MET A 83 7.33 12.92 7.51
C MET A 83 8.50 13.18 6.58
N CYS A 84 8.39 12.75 5.33
CA CYS A 84 9.48 12.77 4.43
CA CYS A 84 9.52 12.79 4.40
C CYS A 84 9.47 13.90 3.40
N PHE A 85 10.67 14.35 3.03
CA PHE A 85 10.89 15.28 1.90
C PHE A 85 12.19 14.79 1.22
N SER A 86 12.44 15.18 -0.06
CA SER A 86 13.70 14.78 -0.68
C SER A 86 14.66 15.96 -0.65
N ILE A 87 15.93 15.71 -0.29
CA ILE A 87 16.95 16.75 -0.27
C ILE A 87 17.21 17.34 -1.69
N ASP A 88 16.86 16.58 -2.75
CA ASP A 88 16.98 17.13 -4.11
C ASP A 88 15.73 17.95 -4.53
N SER A 89 14.79 18.20 -3.60
CA SER A 89 13.58 18.92 -3.94
C SER A 89 13.19 19.92 -2.85
N PRO A 90 13.71 21.17 -2.87
CA PRO A 90 13.22 22.19 -1.91
C PRO A 90 11.69 22.34 -1.96
N ASP A 91 11.04 22.07 -3.13
CA ASP A 91 9.57 22.11 -3.24
C ASP A 91 8.89 21.10 -2.28
N SER A 92 9.46 19.89 -2.14
CA SER A 92 8.88 18.89 -1.23
C SER A 92 9.00 19.34 0.24
N LEU A 93 10.04 20.14 0.58
CA LEU A 93 10.20 20.66 1.94
C LEU A 93 9.20 21.80 2.19
N GLU A 94 8.92 22.63 1.17
CA GLU A 94 7.98 23.74 1.31
C GLU A 94 6.54 23.26 1.64
N ASN A 95 6.16 22.08 1.17
CA ASN A 95 4.84 21.50 1.42
C ASN A 95 4.68 20.85 2.81
N ILE A 96 5.78 20.77 3.58
CA ILE A 96 5.69 20.17 4.90
C ILE A 96 4.84 21.00 5.91
N PRO A 97 5.10 22.31 6.12
CA PRO A 97 4.47 22.98 7.28
C PRO A 97 3.00 23.29 7.23
N GLU A 98 2.48 23.60 6.07
CA GLU A 98 1.08 24.00 5.97
C GLU A 98 0.20 22.98 5.18
N LYS A 99 0.77 21.86 4.66
CA LYS A 99 -0.07 20.83 4.05
C LYS A 99 0.00 19.54 4.90
N TRP A 100 1.18 18.91 4.94
CA TRP A 100 1.30 17.66 5.69
C TRP A 100 1.20 17.80 7.18
N THR A 101 1.83 18.83 7.78
CA THR A 101 1.81 18.98 9.24
C THR A 101 0.39 19.17 9.80
N PRO A 102 -0.43 20.13 9.31
CA PRO A 102 -1.78 20.28 9.89
C PRO A 102 -2.61 18.98 9.71
N GLU A 103 -2.41 18.23 8.60
CA GLU A 103 -3.16 16.99 8.43
C GLU A 103 -2.78 15.94 9.50
N VAL A 104 -1.48 15.70 9.68
CA VAL A 104 -1.05 14.68 10.63
C VAL A 104 -1.39 15.11 12.05
N LYS A 105 -1.29 16.42 12.36
CA LYS A 105 -1.64 16.84 13.72
C LYS A 105 -3.14 16.62 14.01
N HIS A 106 -3.97 16.73 12.98
CA HIS A 106 -5.41 16.55 13.15
C HIS A 106 -5.78 15.08 13.34
N PHE A 107 -5.30 14.21 12.42
CA PHE A 107 -5.68 12.79 12.45
C PHE A 107 -4.85 11.94 13.42
N CYS A 108 -3.66 12.44 13.82
CA CYS A 108 -2.75 11.71 14.72
C CYS A 108 -2.33 12.61 15.86
N PRO A 109 -3.28 13.08 16.67
CA PRO A 109 -2.90 13.98 17.76
C PRO A 109 -1.94 13.32 18.74
N ASN A 110 -0.91 14.07 19.11
CA ASN A 110 0.08 13.66 20.08
C ASN A 110 0.98 12.51 19.62
N VAL A 111 0.95 12.17 18.32
CA VAL A 111 1.82 11.14 17.80
C VAL A 111 3.12 11.79 17.38
N PRO A 112 4.28 11.23 17.79
CA PRO A 112 5.56 11.87 17.40
C PRO A 112 5.79 11.83 15.90
N ILE A 113 6.30 12.93 15.37
CA ILE A 113 6.67 13.09 13.96
C ILE A 113 8.17 13.19 13.88
N ILE A 114 8.78 12.36 13.04
CA ILE A 114 10.21 12.50 12.74
C ILE A 114 10.27 13.05 11.33
N LEU A 115 10.90 14.24 11.14
CA LEU A 115 11.08 14.78 9.79
C LEU A 115 12.35 14.16 9.22
N VAL A 116 12.22 13.52 8.02
CA VAL A 116 13.31 12.80 7.41
C VAL A 116 13.63 13.36 6.06
N GLY A 117 14.89 13.78 5.88
CA GLY A 117 15.42 14.24 4.60
C GLY A 117 15.95 13.01 3.86
N ASN A 118 15.25 12.61 2.77
CA ASN A 118 15.63 11.46 1.96
CA ASN A 118 15.70 11.43 2.00
C ASN A 118 16.59 11.86 0.84
N LYS A 119 17.25 10.87 0.21
CA LYS A 119 18.13 11.09 -0.92
C LYS A 119 19.29 12.02 -0.59
N LYS A 120 19.87 11.85 0.59
CA LYS A 120 20.95 12.75 1.02
C LYS A 120 22.19 12.67 0.12
N ASP A 121 22.35 11.53 -0.60
CA ASP A 121 23.46 11.30 -1.56
C ASP A 121 23.40 12.31 -2.74
N LEU A 122 22.25 13.00 -2.95
CA LEU A 122 22.13 13.95 -4.06
C LEU A 122 22.55 15.39 -3.71
N ARG A 123 22.86 15.64 -2.43
CA ARG A 123 23.28 16.95 -1.98
C ARG A 123 24.57 17.38 -2.69
N ASN A 124 25.45 16.43 -3.01
CA ASN A 124 26.72 16.69 -3.68
C ASN A 124 26.78 16.06 -5.09
N ASP A 125 25.62 15.84 -5.72
CA ASP A 125 25.51 15.27 -7.06
C ASP A 125 25.50 16.42 -8.08
N GLU A 126 26.47 16.46 -9.01
CA GLU A 126 26.57 17.57 -9.94
C GLU A 126 25.37 17.71 -10.86
N HIS A 127 24.79 16.61 -11.35
CA HIS A 127 23.60 16.68 -12.18
C HIS A 127 22.43 17.34 -11.43
N THR A 128 22.23 16.97 -10.14
CA THR A 128 21.16 17.55 -9.32
C THR A 128 21.38 19.06 -9.15
N ARG A 129 22.60 19.47 -8.86
CA ARG A 129 22.90 20.88 -8.63
C ARG A 129 22.68 21.72 -9.89
N ARG A 130 22.90 21.14 -11.07
CA ARG A 130 22.70 21.86 -12.33
C ARG A 130 21.22 22.02 -12.63
N GLU A 131 20.43 20.95 -12.46
CA GLU A 131 18.99 21.00 -12.72
C GLU A 131 18.28 21.96 -11.77
N LEU A 132 18.67 21.97 -10.48
CA LEU A 132 18.05 22.88 -9.52
C LEU A 132 18.41 24.35 -9.78
N ALA A 133 19.65 24.62 -10.21
CA ALA A 133 20.11 25.99 -10.50
C ALA A 133 19.31 26.67 -11.61
N LYS A 134 18.71 25.90 -12.52
CA LYS A 134 17.87 26.43 -13.60
C LYS A 134 16.55 27.04 -13.03
N MET A 135 16.09 26.56 -11.85
CA MET A 135 14.92 27.12 -11.18
C MET A 135 15.31 28.03 -10.01
N LYS A 136 16.57 28.53 -9.96
CA LYS A 136 17.14 29.37 -8.91
C LYS A 136 17.10 28.64 -7.55
N GLN A 137 17.32 27.32 -7.58
CA GLN A 137 17.28 26.51 -6.36
C GLN A 137 18.62 25.79 -6.09
N GLU A 138 18.74 25.17 -4.89
CA GLU A 138 19.89 24.35 -4.53
C GLU A 138 19.42 23.20 -3.64
N PRO A 139 20.18 22.09 -3.49
CA PRO A 139 19.70 21.01 -2.60
C PRO A 139 19.48 21.54 -1.18
N VAL A 140 18.51 20.94 -0.47
CA VAL A 140 18.20 21.37 0.90
C VAL A 140 19.45 21.25 1.79
N LYS A 141 19.76 22.31 2.54
CA LYS A 141 20.89 22.32 3.47
C LYS A 141 20.48 21.64 4.79
N PRO A 142 21.42 21.04 5.54
CA PRO A 142 21.05 20.40 6.83
C PRO A 142 20.36 21.34 7.80
N GLU A 143 20.82 22.60 7.92
CA GLU A 143 20.17 23.56 8.80
C GLU A 143 18.77 23.88 8.38
N GLU A 144 18.48 23.82 7.04
CA GLU A 144 17.11 24.09 6.57
C GLU A 144 16.18 22.93 7.01
N GLY A 145 16.69 21.71 6.95
CA GLY A 145 15.90 20.58 7.44
C GLY A 145 15.66 20.64 8.94
N ARG A 146 16.75 20.87 9.72
CA ARG A 146 16.59 20.97 11.17
C ARG A 146 15.65 22.11 11.55
N ASP A 147 15.76 23.29 10.90
CA ASP A 147 14.88 24.41 11.24
C ASP A 147 13.44 24.11 10.95
N MET A 148 13.17 23.36 9.84
CA MET A 148 11.79 23.02 9.55
C MET A 148 11.26 22.04 10.62
N ALA A 149 12.07 21.05 10.99
CA ALA A 149 11.67 20.09 12.03
C ALA A 149 11.37 20.80 13.34
N ASN A 150 12.19 21.80 13.67
CA ASN A 150 12.02 22.55 14.91
C ASN A 150 10.69 23.31 14.87
N ARG A 151 10.44 24.04 13.78
CA ARG A 151 9.24 24.84 13.59
C ARG A 151 7.93 24.03 13.66
N ILE A 152 7.94 22.83 13.02
CA ILE A 152 6.71 22.03 12.99
C ILE A 152 6.46 21.22 14.27
N GLY A 153 7.35 21.29 15.25
CA GLY A 153 7.16 20.52 16.48
C GLY A 153 7.50 19.05 16.31
N ALA A 154 8.46 18.75 15.40
CA ALA A 154 8.87 17.36 15.23
C ALA A 154 9.62 16.87 16.47
N PHE A 155 9.51 15.56 16.73
CA PHE A 155 10.28 14.85 17.74
C PHE A 155 11.78 14.97 17.42
N GLY A 156 12.13 14.93 16.14
CA GLY A 156 13.50 15.13 15.71
C GLY A 156 13.64 15.16 14.21
N TYR A 157 14.88 15.40 13.77
CA TYR A 157 15.25 15.50 12.36
C TYR A 157 16.35 14.49 12.05
N MET A 158 16.15 13.74 10.95
CA MET A 158 17.12 12.74 10.52
C MET A 158 17.27 12.78 9.01
N GLU A 159 18.42 12.29 8.50
CA GLU A 159 18.65 12.21 7.06
C GLU A 159 19.04 10.79 6.67
N CYS A 160 18.75 10.42 5.44
CA CYS A 160 19.14 9.07 4.97
C CYS A 160 19.28 9.02 3.47
N SER A 161 19.88 7.91 2.99
CA SER A 161 19.96 7.63 1.55
C SER A 161 19.49 6.18 1.31
N ALA A 162 18.32 5.99 0.71
CA ALA A 162 17.87 4.62 0.38
C ALA A 162 18.85 3.96 -0.61
N LYS A 163 19.44 4.74 -1.54
CA LYS A 163 20.40 4.20 -2.52
C LYS A 163 21.62 3.52 -1.90
N THR A 164 22.26 4.15 -0.91
CA THR A 164 23.45 3.60 -0.25
C THR A 164 23.16 2.88 1.05
N LYS A 165 21.90 2.99 1.54
CA LYS A 165 21.42 2.47 2.84
C LYS A 165 21.90 3.31 4.03
N ASP A 166 22.74 4.34 3.81
CA ASP A 166 23.26 5.11 4.93
C ASP A 166 22.16 5.83 5.66
N GLY A 167 22.11 5.60 6.96
CA GLY A 167 21.16 6.25 7.82
C GLY A 167 19.80 5.58 7.91
N VAL A 168 19.53 4.56 7.07
CA VAL A 168 18.20 3.95 7.06
C VAL A 168 17.89 3.17 8.32
N ARG A 169 18.81 2.30 8.78
CA ARG A 169 18.58 1.55 10.02
C ARG A 169 18.33 2.50 11.21
N GLU A 170 19.14 3.59 11.27
CA GLU A 170 19.00 4.55 12.35
C GLU A 170 17.63 5.24 12.38
N VAL A 171 17.05 5.56 11.20
CA VAL A 171 15.73 6.19 11.17
C VAL A 171 14.69 5.28 11.78
N PHE A 172 14.70 3.97 11.39
CA PHE A 172 13.67 3.06 11.90
C PHE A 172 13.89 2.66 13.37
N GLU A 173 15.14 2.59 13.84
CA GLU A 173 15.39 2.33 15.27
C GLU A 173 14.89 3.53 16.09
N MET A 174 15.15 4.77 15.59
CA MET A 174 14.65 5.93 16.34
C MET A 174 13.12 6.01 16.27
N ALA A 175 12.51 5.68 15.12
CA ALA A 175 11.04 5.69 15.06
C ALA A 175 10.44 4.71 16.08
N THR A 176 11.13 3.57 16.30
CA THR A 176 10.67 2.58 17.26
C THR A 176 10.74 3.15 18.68
N ARG A 177 11.86 3.81 19.01
CA ARG A 177 11.98 4.49 20.32
C ARG A 177 10.88 5.55 20.50
N ALA A 178 10.60 6.34 19.46
CA ALA A 178 9.56 7.36 19.57
C ALA A 178 8.20 6.73 19.80
N ALA A 179 7.93 5.60 19.08
CA ALA A 179 6.64 4.90 19.26
C ALA A 179 6.45 4.35 20.66
N LEU A 180 7.53 3.95 21.33
CA LEU A 180 7.49 3.38 22.67
C LEU A 180 7.29 4.43 23.75
N GLN A 181 7.63 5.70 23.48
CA GLN A 181 7.53 6.76 24.50
C GLN A 181 6.11 7.07 24.93
N ALA A 182 5.94 7.52 26.19
CA ALA A 182 4.62 7.86 26.73
C ALA A 182 4.18 9.22 26.17
N SER B 1 -3.56 -18.56 -1.61
CA SER B 1 -3.27 -18.80 -3.04
CA SER B 1 -3.30 -18.80 -3.04
C SER B 1 -3.02 -20.28 -3.31
N MET B 2 -3.19 -20.72 -4.56
CA MET B 2 -2.93 -22.08 -4.96
C MET B 2 -1.47 -22.19 -5.37
N GLU B 3 -0.86 -23.39 -5.14
CA GLU B 3 0.56 -23.57 -5.34
C GLU B 3 1.05 -23.26 -6.76
N MET B 4 0.26 -23.60 -7.81
CA MET B 4 0.67 -23.32 -9.17
CA MET B 4 0.57 -23.33 -9.20
C MET B 4 0.94 -21.83 -9.37
N ASP B 5 0.04 -20.97 -8.90
CA ASP B 5 0.23 -19.54 -9.09
C ASP B 5 1.27 -18.96 -8.16
N GLU B 6 1.37 -19.48 -6.93
CA GLU B 6 2.42 -18.99 -5.99
C GLU B 6 3.80 -19.26 -6.60
N LYS B 7 4.00 -20.46 -7.19
CA LYS B 7 5.31 -20.76 -7.76
C LYS B 7 5.56 -19.91 -9.01
N ASP B 8 4.51 -19.68 -9.82
CA ASP B 8 4.68 -18.84 -11.03
C ASP B 8 5.07 -17.41 -10.66
N PHE B 9 4.68 -16.94 -9.47
CA PHE B 9 4.98 -15.58 -9.03
C PHE B 9 5.91 -15.58 -7.78
N ALA B 10 6.75 -16.60 -7.63
CA ALA B 10 7.67 -16.67 -6.48
C ALA B 10 8.85 -15.75 -6.64
N ALA B 11 9.33 -15.54 -7.88
CA ALA B 11 10.53 -14.73 -8.11
C ALA B 11 10.29 -13.25 -7.87
N ASP B 12 11.37 -12.51 -7.57
CA ASP B 12 11.22 -11.07 -7.31
C ASP B 12 10.92 -10.27 -8.56
N SER B 13 11.08 -10.84 -9.76
CA SER B 13 10.81 -10.10 -10.98
C SER B 13 10.53 -11.07 -12.12
N TRP B 14 10.00 -10.55 -13.25
CA TRP B 14 9.79 -11.37 -14.45
C TRP B 14 11.18 -11.83 -14.95
N SER B 15 12.21 -10.96 -14.89
CA SER B 15 13.54 -11.36 -15.40
CA SER B 15 13.54 -11.34 -15.38
C SER B 15 14.15 -12.51 -14.60
N LEU B 16 13.75 -12.68 -13.33
CA LEU B 16 14.22 -13.81 -12.52
C LEU B 16 13.25 -15.02 -12.62
N ALA B 17 11.98 -14.80 -13.06
CA ALA B 17 11.00 -15.90 -13.21
C ALA B 17 11.24 -16.71 -14.49
N VAL B 18 11.55 -16.04 -15.60
CA VAL B 18 11.73 -16.73 -16.89
C VAL B 18 13.09 -17.43 -16.92
N ASP B 19 13.25 -18.39 -17.85
CA ASP B 19 14.55 -19.04 -18.03
C ASP B 19 15.55 -18.00 -18.51
N SER B 20 16.82 -18.10 -18.05
CA SER B 20 17.83 -17.13 -18.51
C SER B 20 18.02 -17.14 -20.03
N SER B 21 17.90 -18.34 -20.67
CA SER B 21 18.03 -18.40 -22.13
C SER B 21 16.88 -17.69 -22.86
N PHE B 22 15.72 -17.54 -22.21
CA PHE B 22 14.60 -16.83 -22.82
C PHE B 22 14.76 -15.32 -22.58
N LEU B 23 15.20 -14.93 -21.38
CA LEU B 23 15.45 -13.53 -21.04
C LEU B 23 16.43 -12.90 -22.04
N GLN B 24 17.49 -13.65 -22.38
CA GLN B 24 18.53 -13.20 -23.29
C GLN B 24 18.05 -12.85 -24.67
N GLN B 25 16.90 -13.38 -25.08
CA GLN B 25 16.32 -13.11 -26.40
C GLN B 25 15.62 -11.77 -26.52
N HIS B 26 15.40 -11.06 -25.39
CA HIS B 26 14.61 -9.83 -25.44
C HIS B 26 15.42 -8.58 -25.21
N LYS B 27 14.96 -7.49 -25.78
CA LYS B 27 15.57 -6.18 -25.56
C LYS B 27 15.32 -5.71 -24.13
N LYS B 28 16.18 -4.82 -23.61
CA LYS B 28 16.04 -4.29 -22.26
C LYS B 28 14.68 -3.60 -22.06
N GLU B 29 14.16 -2.87 -23.06
CA GLU B 29 12.89 -2.17 -22.88
C GLU B 29 11.73 -3.14 -22.64
N VAL B 30 11.77 -4.30 -23.33
CA VAL B 30 10.74 -5.32 -23.13
C VAL B 30 10.88 -5.92 -21.74
N MET B 31 12.12 -6.18 -21.27
CA MET B 31 12.31 -6.72 -19.92
CA MET B 31 12.34 -6.70 -19.92
C MET B 31 11.74 -5.70 -18.91
N LYS B 32 11.99 -4.38 -19.09
CA LYS B 32 11.46 -3.41 -18.13
C LYS B 32 9.94 -3.38 -18.10
N GLN B 33 9.31 -3.49 -19.28
CA GLN B 33 7.84 -3.52 -19.33
C GLN B 33 7.31 -4.76 -18.63
N GLN B 34 7.89 -5.92 -18.94
CA GLN B 34 7.43 -7.18 -18.36
C GLN B 34 7.63 -7.27 -16.87
N ASP B 35 8.71 -6.64 -16.35
CA ASP B 35 8.91 -6.69 -14.90
C ASP B 35 7.76 -5.93 -14.19
N VAL B 36 7.27 -4.80 -14.76
CA VAL B 36 6.18 -4.05 -14.07
C VAL B 36 4.84 -4.76 -14.22
N ILE B 37 4.59 -5.39 -15.40
CA ILE B 37 3.35 -6.16 -15.56
C ILE B 37 3.35 -7.34 -14.60
N TYR B 38 4.53 -7.98 -14.41
CA TYR B 38 4.63 -9.08 -13.46
C TYR B 38 4.33 -8.57 -12.02
N GLU B 39 4.81 -7.37 -11.64
CA GLU B 39 4.47 -6.83 -10.31
C GLU B 39 2.99 -6.54 -10.19
N LEU B 40 2.33 -6.08 -11.24
CA LEU B 40 0.87 -5.82 -11.14
C LEU B 40 0.16 -7.18 -10.85
N ILE B 41 0.52 -8.22 -11.61
CA ILE B 41 -0.16 -9.52 -11.41
C ILE B 41 0.20 -10.15 -10.08
N GLN B 42 1.49 -10.12 -9.71
CA GLN B 42 1.91 -10.68 -8.42
C GLN B 42 1.17 -9.95 -7.26
N THR B 43 1.13 -8.61 -7.30
CA THR B 43 0.41 -7.91 -6.20
C THR B 43 -1.12 -8.14 -6.24
N GLU B 44 -1.68 -8.43 -7.44
CA GLU B 44 -3.09 -8.76 -7.50
C GLU B 44 -3.33 -10.14 -6.90
N LEU B 45 -2.42 -11.10 -7.19
CA LEU B 45 -2.54 -12.44 -6.56
C LEU B 45 -2.51 -12.31 -5.03
N HIS B 46 -1.61 -11.45 -4.50
CA HIS B 46 -1.54 -11.27 -3.05
C HIS B 46 -2.78 -10.56 -2.50
N HIS B 47 -3.36 -9.64 -3.28
CA HIS B 47 -4.57 -8.94 -2.83
C HIS B 47 -5.74 -9.91 -2.74
N VAL B 48 -5.87 -10.82 -3.77
CA VAL B 48 -6.94 -11.82 -3.67
C VAL B 48 -6.68 -12.75 -2.48
N ARG B 49 -5.42 -13.08 -2.18
CA ARG B 49 -5.09 -13.90 -1.02
C ARG B 49 -5.49 -13.17 0.30
N THR B 50 -5.30 -11.83 0.38
CA THR B 50 -5.76 -11.07 1.57
C THR B 50 -7.29 -11.22 1.73
N LEU B 51 -8.03 -11.15 0.62
CA LEU B 51 -9.48 -11.25 0.68
C LEU B 51 -9.89 -12.68 1.06
N LYS B 52 -9.12 -13.72 0.67
CA LYS B 52 -9.43 -15.09 1.08
C LYS B 52 -9.15 -15.29 2.58
N ILE B 53 -8.11 -14.66 3.12
CA ILE B 53 -7.89 -14.72 4.59
C ILE B 53 -9.09 -14.07 5.30
N MET B 54 -9.58 -12.93 4.78
CA MET B 54 -10.73 -12.28 5.38
C MET B 54 -12.00 -13.13 5.31
N THR B 55 -12.30 -13.72 4.14
CA THR B 55 -13.55 -14.50 4.02
C THR B 55 -13.45 -15.87 4.67
N ARG B 56 -12.38 -16.61 4.38
CA ARG B 56 -12.26 -18.02 4.81
C ARG B 56 -11.70 -18.20 6.19
N LEU B 57 -10.60 -17.51 6.52
CA LEU B 57 -9.99 -17.74 7.84
C LEU B 57 -10.75 -16.96 8.91
N PHE B 58 -10.96 -15.66 8.70
CA PHE B 58 -11.60 -14.85 9.76
C PHE B 58 -13.11 -14.96 9.79
N ARG B 59 -13.78 -14.51 8.72
CA ARG B 59 -15.24 -14.41 8.72
C ARG B 59 -15.88 -15.75 8.95
N THR B 60 -15.53 -16.74 8.12
CA THR B 60 -16.14 -18.05 8.25
C THR B 60 -15.72 -18.76 9.56
N GLY B 61 -14.48 -18.56 10.05
CA GLY B 61 -14.10 -19.15 11.33
C GLY B 61 -14.91 -18.58 12.47
N MET B 62 -15.20 -17.26 12.43
CA MET B 62 -16.02 -16.64 13.48
C MET B 62 -17.44 -17.18 13.44
N LEU B 63 -18.00 -17.37 12.24
CA LEU B 63 -19.36 -17.90 12.16
C LEU B 63 -19.42 -19.34 12.67
N GLU B 64 -18.38 -20.13 12.39
CA GLU B 64 -18.37 -21.56 12.73
C GLU B 64 -17.93 -21.93 14.15
N GLU B 65 -17.17 -21.03 14.84
N GLU B 65 -16.88 -21.31 14.65
CA GLU B 65 -16.65 -21.24 16.22
CA GLU B 65 -16.31 -21.70 15.94
C GLU B 65 -17.23 -20.34 17.33
C GLU B 65 -16.77 -20.82 17.09
N LEU B 66 -17.54 -19.08 17.02
N LEU B 66 -17.14 -19.59 16.79
CA LEU B 66 -17.96 -18.11 18.05
CA LEU B 66 -17.64 -18.67 17.80
C LEU B 66 -19.47 -17.87 18.12
C LEU B 66 -19.14 -18.50 17.76
N HIS B 67 -19.93 -17.23 19.20
N HIS B 67 -19.81 -18.93 16.65
CA HIS B 67 -21.35 -16.92 19.37
CA HIS B 67 -21.26 -18.77 16.43
C HIS B 67 -21.54 -15.40 19.34
C HIS B 67 -21.67 -17.32 16.59
N LEU B 68 -21.11 -14.75 18.23
N LEU B 68 -20.82 -16.40 16.10
CA LEU B 68 -21.24 -13.30 18.14
CA LEU B 68 -21.10 -14.97 16.18
C LEU B 68 -22.68 -12.87 17.89
C LEU B 68 -22.29 -14.63 15.28
N GLU B 69 -23.04 -11.69 18.36
N GLU B 69 -23.03 -13.60 15.67
CA GLU B 69 -24.40 -11.17 18.17
CA GLU B 69 -24.18 -13.11 14.94
C GLU B 69 -24.66 -10.92 16.66
C GLU B 69 -23.74 -12.63 13.58
N PRO B 70 -25.90 -11.07 16.17
N PRO B 70 -24.47 -13.03 12.52
CA PRO B 70 -26.16 -10.86 14.73
CA PRO B 70 -24.10 -12.58 11.17
C PRO B 70 -25.71 -9.48 14.20
C PRO B 70 -23.94 -11.07 11.05
N GLY B 71 -25.17 -9.47 12.99
N GLY B 71 -24.73 -10.28 11.77
CA GLY B 71 -24.69 -8.24 12.36
CA GLY B 71 -24.61 -8.83 11.74
C GLY B 71 -23.27 -7.86 12.72
C GLY B 71 -23.30 -8.33 12.32
N VAL B 72 -22.67 -8.54 13.69
N VAL B 72 -22.84 -8.95 13.41
CA VAL B 72 -21.31 -8.22 14.10
CA VAL B 72 -21.58 -8.56 14.06
C VAL B 72 -20.26 -8.73 13.07
C VAL B 72 -20.41 -8.78 13.11
N VAL B 73 -20.39 -9.96 12.52
CA VAL B 73 -19.38 -10.43 11.56
C VAL B 73 -19.43 -9.58 10.26
N GLN B 74 -20.63 -9.18 9.81
CA GLN B 74 -20.74 -8.31 8.64
CA GLN B 74 -20.80 -8.30 8.65
C GLN B 74 -20.15 -6.92 8.91
N GLY B 75 -20.22 -6.46 10.18
CA GLY B 75 -19.65 -5.19 10.61
C GLY B 75 -18.12 -5.21 10.58
N LEU B 76 -17.54 -6.38 10.90
CA LEU B 76 -16.08 -6.54 10.89
C LEU B 76 -15.56 -6.65 9.47
N PHE B 77 -16.32 -7.31 8.58
CA PHE B 77 -15.86 -7.60 7.22
C PHE B 77 -16.84 -7.12 6.16
N PRO B 78 -17.04 -5.80 6.09
CA PRO B 78 -18.03 -5.27 5.14
C PRO B 78 -17.66 -5.59 3.69
N CYS B 79 -18.62 -5.98 2.85
CA CYS B 79 -18.44 -6.14 1.39
C CYS B 79 -17.42 -7.16 0.97
N VAL B 80 -16.96 -8.05 1.87
CA VAL B 80 -15.83 -8.94 1.51
CA VAL B 80 -15.87 -8.95 1.54
C VAL B 80 -16.18 -9.94 0.41
N ASP B 81 -17.41 -10.42 0.34
CA ASP B 81 -17.74 -11.36 -0.75
C ASP B 81 -17.75 -10.64 -2.07
N GLU B 82 -18.30 -9.43 -2.13
CA GLU B 82 -18.33 -8.66 -3.37
C GLU B 82 -16.91 -8.30 -3.83
N LEU B 83 -16.04 -7.89 -2.87
CA LEU B 83 -14.65 -7.58 -3.20
C LEU B 83 -13.92 -8.82 -3.71
N SER B 84 -14.19 -9.97 -3.09
CA SER B 84 -13.53 -11.22 -3.55
C SER B 84 -14.00 -11.53 -4.97
N ASP B 85 -15.29 -11.36 -5.26
CA ASP B 85 -15.77 -11.72 -6.62
C ASP B 85 -15.13 -10.76 -7.67
N ILE B 86 -15.06 -9.46 -7.35
CA ILE B 86 -14.47 -8.51 -8.32
C ILE B 86 -12.99 -8.88 -8.61
N HIS B 87 -12.19 -9.06 -7.56
CA HIS B 87 -10.76 -9.25 -7.77
C HIS B 87 -10.42 -10.66 -8.23
N THR B 88 -11.18 -11.66 -7.80
CA THR B 88 -10.88 -13.03 -8.26
C THR B 88 -11.15 -13.11 -9.77
N ARG B 89 -12.20 -12.43 -10.25
CA ARG B 89 -12.47 -12.40 -11.68
C ARG B 89 -11.37 -11.65 -12.43
N PHE B 90 -10.92 -10.49 -11.89
CA PHE B 90 -9.89 -9.72 -12.58
C PHE B 90 -8.58 -10.53 -12.61
N LEU B 91 -8.23 -11.18 -11.48
CA LEU B 91 -7.01 -12.01 -11.41
C LEU B 91 -7.12 -13.15 -12.44
N SER B 92 -8.31 -13.76 -12.56
CA SER B 92 -8.50 -14.82 -13.55
CA SER B 92 -8.50 -14.83 -13.54
C SER B 92 -8.15 -14.35 -14.96
N GLN B 93 -8.59 -13.14 -15.33
CA GLN B 93 -8.29 -12.58 -16.64
C GLN B 93 -6.80 -12.33 -16.82
N LEU B 94 -6.13 -11.78 -15.78
CA LEU B 94 -4.69 -11.52 -15.91
C LEU B 94 -3.94 -12.84 -16.07
N LEU B 95 -4.28 -13.87 -15.25
CA LEU B 95 -3.59 -15.15 -15.32
C LEU B 95 -3.87 -15.87 -16.62
N GLU B 96 -5.08 -15.70 -17.20
CA GLU B 96 -5.34 -16.34 -18.49
C GLU B 96 -4.53 -15.64 -19.61
N ARG B 97 -4.33 -14.33 -19.55
CA ARG B 97 -3.52 -13.63 -20.56
C ARG B 97 -2.08 -14.13 -20.50
N ARG B 98 -1.54 -14.35 -19.30
CA ARG B 98 -0.21 -14.91 -19.15
C ARG B 98 -0.17 -16.34 -19.69
N ARG B 99 -1.15 -17.19 -19.30
CA ARG B 99 -1.11 -18.59 -19.69
C ARG B 99 -1.15 -18.73 -21.23
N GLN B 100 -2.01 -17.93 -21.89
CA GLN B 100 -2.09 -17.96 -23.37
C GLN B 100 -0.80 -17.53 -24.01
N ALA B 101 -0.02 -16.67 -23.36
CA ALA B 101 1.25 -16.16 -23.91
C ALA B 101 2.43 -17.12 -23.67
N LEU B 102 2.24 -18.23 -22.91
CA LEU B 102 3.37 -19.13 -22.66
C LEU B 102 3.87 -19.76 -23.96
N CYS B 103 5.17 -19.98 -24.02
CA CYS B 103 5.74 -20.73 -25.15
C CYS B 103 5.35 -22.18 -25.02
N PRO B 104 5.08 -22.90 -26.11
CA PRO B 104 4.85 -24.35 -25.99
C PRO B 104 6.07 -25.00 -25.37
N GLY B 105 5.82 -25.94 -24.46
CA GLY B 105 6.87 -26.64 -23.74
C GLY B 105 7.33 -25.92 -22.48
N SER B 106 6.76 -24.73 -22.19
CA SER B 106 7.16 -23.98 -21.01
C SER B 106 5.98 -23.65 -20.13
N THR B 107 6.23 -23.64 -18.81
CA THR B 107 5.22 -23.13 -17.89
C THR B 107 5.71 -21.80 -17.26
N ARG B 108 6.81 -21.22 -17.77
CA ARG B 108 7.34 -19.99 -17.19
C ARG B 108 7.69 -18.87 -18.19
N ASN B 109 7.95 -19.19 -19.46
CA ASN B 109 8.40 -18.19 -20.43
C ASN B 109 7.27 -17.61 -21.23
N PHE B 110 7.01 -16.31 -21.03
CA PHE B 110 5.96 -15.60 -21.74
C PHE B 110 6.31 -14.11 -21.82
N VAL B 111 5.64 -13.41 -22.75
CA VAL B 111 5.64 -11.95 -22.84
C VAL B 111 4.18 -11.51 -23.02
N ILE B 112 3.67 -10.59 -22.19
CA ILE B 112 2.31 -10.04 -22.40
C ILE B 112 2.49 -8.72 -23.16
N HIS B 113 1.99 -8.67 -24.38
CA HIS B 113 2.09 -7.46 -25.19
C HIS B 113 0.85 -6.59 -25.17
N ARG B 114 -0.33 -7.12 -24.75
N ARG B 114 -0.27 -7.19 -24.84
CA ARG B 114 -1.63 -6.43 -24.88
CA ARG B 114 -1.55 -6.54 -24.83
C ARG B 114 -2.44 -6.20 -23.60
C ARG B 114 -2.07 -6.70 -23.44
N LEU B 115 -1.77 -5.82 -22.54
N LEU B 115 -1.95 -5.66 -22.66
CA LEU B 115 -2.45 -5.58 -21.27
CA LEU B 115 -2.48 -5.58 -21.30
C LEU B 115 -3.50 -4.43 -21.28
C LEU B 115 -3.50 -4.44 -21.27
N GLY B 116 -3.25 -3.36 -22.01
CA GLY B 116 -4.13 -2.20 -22.01
C GLY B 116 -5.61 -2.49 -22.20
N ASP B 117 -5.94 -3.36 -23.18
CA ASP B 117 -7.36 -3.67 -23.43
CA ASP B 117 -7.34 -3.66 -23.43
C ASP B 117 -8.01 -4.35 -22.24
N LEU B 118 -7.28 -5.20 -21.55
CA LEU B 118 -7.80 -5.90 -20.38
C LEU B 118 -8.07 -4.86 -19.27
N LEU B 119 -7.16 -3.89 -19.09
CA LEU B 119 -7.38 -2.86 -18.06
C LEU B 119 -8.52 -1.92 -18.43
N ILE B 120 -8.67 -1.58 -19.74
CA ILE B 120 -9.81 -0.75 -20.12
C ILE B 120 -11.13 -1.48 -19.77
N SER B 121 -11.19 -2.79 -20.08
CA SER B 121 -12.40 -3.57 -19.79
CA SER B 121 -12.39 -3.58 -19.78
C SER B 121 -12.68 -3.61 -18.27
N GLN B 122 -11.67 -3.88 -17.46
CA GLN B 122 -11.89 -3.94 -16.01
C GLN B 122 -12.40 -2.60 -15.45
N PHE B 123 -11.83 -1.49 -15.94
CA PHE B 123 -12.13 -0.18 -15.40
C PHE B 123 -13.15 0.64 -16.24
N SER B 124 -14.02 -0.07 -16.97
CA SER B 124 -15.13 0.58 -17.66
C SER B 124 -16.38 -0.30 -17.56
N GLY B 125 -17.54 0.28 -17.91
CA GLY B 125 -18.80 -0.44 -17.95
C GLY B 125 -19.26 -0.97 -16.61
N PRO B 126 -20.07 -2.04 -16.61
CA PRO B 126 -20.60 -2.55 -15.34
C PRO B 126 -19.57 -2.95 -14.31
N SER B 127 -18.41 -3.52 -14.69
CA SER B 127 -17.43 -3.92 -13.68
C SER B 127 -16.89 -2.67 -12.96
N ALA B 128 -16.72 -1.54 -13.68
CA ALA B 128 -16.23 -0.32 -13.02
C ALA B 128 -17.31 0.24 -12.11
N GLU B 129 -18.59 0.19 -12.53
CA GLU B 129 -19.67 0.67 -11.66
C GLU B 129 -19.74 -0.20 -10.40
N GLN B 130 -19.51 -1.51 -10.52
CA GLN B 130 -19.51 -2.38 -9.33
C GLN B 130 -18.33 -2.07 -8.43
N MET B 131 -17.12 -1.84 -9.02
CA MET B 131 -15.95 -1.49 -8.18
C MET B 131 -16.22 -0.18 -7.45
N CYS B 132 -16.79 0.81 -8.14
CA CYS B 132 -17.09 2.10 -7.49
C CYS B 132 -18.09 1.91 -6.35
N LYS B 133 -19.18 1.19 -6.59
CA LYS B 133 -20.18 0.98 -5.53
C LYS B 133 -19.58 0.25 -4.31
N THR B 134 -18.79 -0.80 -4.57
CA THR B 134 -18.28 -1.63 -3.50
C THR B 134 -17.22 -0.88 -2.67
N TYR B 135 -16.26 -0.21 -3.35
CA TYR B 135 -15.25 0.54 -2.57
C TYR B 135 -15.82 1.75 -1.86
N SER B 136 -16.84 2.41 -2.47
CA SER B 136 -17.46 3.57 -1.74
C SER B 136 -18.12 3.06 -0.43
N GLU B 137 -18.74 1.87 -0.47
CA GLU B 137 -19.35 1.27 0.71
CA GLU B 137 -19.33 1.30 0.75
C GLU B 137 -18.26 0.78 1.71
N PHE B 138 -17.27 -0.01 1.21
CA PHE B 138 -16.23 -0.56 2.08
C PHE B 138 -15.45 0.55 2.80
N CYS B 139 -14.97 1.52 2.01
CA CYS B 139 -14.13 2.58 2.60
C CYS B 139 -14.91 3.45 3.54
N SER B 140 -16.26 3.59 3.31
CA SER B 140 -17.06 4.33 4.31
C SER B 140 -17.33 3.55 5.60
N ARG B 141 -17.11 2.22 5.60
CA ARG B 141 -17.34 1.36 6.75
C ARG B 141 -16.03 0.92 7.42
N HIS B 142 -14.89 1.44 6.94
CA HIS B 142 -13.54 1.04 7.36
C HIS B 142 -13.31 1.41 8.84
N SER B 143 -13.53 2.69 9.24
CA SER B 143 -13.33 3.06 10.65
CA SER B 143 -13.33 3.06 10.64
C SER B 143 -14.22 2.26 11.60
N LYS B 144 -15.49 2.01 11.22
CA LYS B 144 -16.43 1.29 12.05
C LYS B 144 -15.96 -0.15 12.26
N ALA B 145 -15.41 -0.76 11.19
CA ALA B 145 -14.92 -2.15 11.32
C ALA B 145 -13.75 -2.20 12.28
N LEU B 146 -12.80 -1.22 12.18
CA LEU B 146 -11.66 -1.23 13.11
C LEU B 146 -12.10 -1.07 14.56
N LYS B 147 -13.07 -0.19 14.80
CA LYS B 147 -13.53 0.05 16.18
C LYS B 147 -14.29 -1.13 16.77
N LEU B 148 -15.05 -1.84 15.91
CA LEU B 148 -15.78 -3.01 16.35
C LEU B 148 -14.78 -4.13 16.70
N TYR B 149 -13.72 -4.27 15.89
CA TYR B 149 -12.69 -5.28 16.15
C TYR B 149 -12.00 -5.01 17.48
N LYS B 150 -11.61 -3.74 17.72
CA LYS B 150 -10.89 -3.43 18.95
C LYS B 150 -11.78 -3.67 20.17
N GLU B 151 -13.06 -3.35 20.06
CA GLU B 151 -14.00 -3.57 21.19
CA GLU B 151 -13.98 -3.56 21.19
C GLU B 151 -14.12 -5.06 21.52
N LEU B 152 -14.31 -5.90 20.52
CA LEU B 152 -14.47 -7.33 20.74
C LEU B 152 -13.19 -7.94 21.26
N TYR B 153 -12.03 -7.52 20.73
CA TYR B 153 -10.76 -8.11 21.19
C TYR B 153 -10.50 -7.77 22.67
N ALA B 154 -10.91 -6.56 23.10
CA ALA B 154 -10.66 -6.16 24.49
C ALA B 154 -11.63 -6.75 25.46
N ARG B 155 -12.86 -7.09 25.02
CA ARG B 155 -13.88 -7.54 25.96
CA ARG B 155 -13.94 -7.51 25.92
C ARG B 155 -14.32 -8.99 25.91
N ASP B 156 -14.14 -9.69 24.77
CA ASP B 156 -14.59 -11.07 24.62
C ASP B 156 -13.45 -12.06 24.59
N LYS B 157 -13.35 -12.91 25.63
CA LYS B 157 -12.29 -13.88 25.79
C LYS B 157 -12.22 -14.87 24.64
N ARG B 158 -13.37 -15.43 24.25
CA ARG B 158 -13.38 -16.41 23.16
C ARG B 158 -12.94 -15.74 21.84
N PHE B 159 -13.34 -14.50 21.62
CA PHE B 159 -12.90 -13.77 20.40
C PHE B 159 -11.39 -13.54 20.41
N GLN B 160 -10.84 -13.12 21.57
CA GLN B 160 -9.41 -12.90 21.68
C GLN B 160 -8.63 -14.20 21.44
N GLN B 161 -9.12 -15.32 22.03
CA GLN B 161 -8.45 -16.61 21.83
C GLN B 161 -8.49 -17.03 20.37
N PHE B 162 -9.65 -16.81 19.68
CA PHE B 162 -9.77 -17.15 18.26
C PHE B 162 -8.76 -16.35 17.42
N ILE B 163 -8.69 -15.02 17.65
CA ILE B 163 -7.76 -14.19 16.87
C ILE B 163 -6.32 -14.60 17.10
N ARG B 164 -5.94 -14.81 18.38
CA ARG B 164 -4.55 -15.17 18.66
C ARG B 164 -4.22 -16.56 18.06
N LYS B 165 -5.21 -17.47 17.97
CA LYS B 165 -4.99 -18.79 17.42
C LYS B 165 -4.74 -18.73 15.91
N VAL B 166 -5.64 -18.08 15.17
CA VAL B 166 -5.53 -18.11 13.71
C VAL B 166 -4.49 -17.17 13.17
N THR B 167 -4.04 -16.17 13.96
CA THR B 167 -2.97 -15.26 13.49
C THR B 167 -1.60 -15.63 14.02
N ARG B 168 -1.49 -16.72 14.79
CA ARG B 168 -0.18 -17.16 15.32
C ARG B 168 0.81 -17.58 14.25
N PRO B 169 0.42 -18.33 13.20
CA PRO B 169 1.43 -18.80 12.23
C PRO B 169 2.20 -17.67 11.59
N ALA B 170 3.48 -17.89 11.29
CA ALA B 170 4.32 -16.85 10.69
C ALA B 170 3.78 -16.34 9.35
N VAL B 171 3.08 -17.17 8.60
CA VAL B 171 2.55 -16.71 7.30
C VAL B 171 1.43 -15.68 7.46
N LEU B 172 0.88 -15.49 8.67
CA LEU B 172 -0.15 -14.46 8.93
C LEU B 172 0.47 -13.20 9.57
N LYS B 173 1.80 -13.09 9.62
CA LYS B 173 2.44 -11.96 10.32
C LYS B 173 1.97 -10.59 9.89
N ARG B 174 1.73 -10.41 8.56
CA ARG B 174 1.32 -9.11 8.01
C ARG B 174 -0.20 -8.98 7.87
N HIS B 175 -0.97 -10.00 8.29
CA HIS B 175 -2.38 -10.13 7.96
C HIS B 175 -3.32 -10.32 9.14
N GLY B 176 -3.12 -9.57 10.22
CA GLY B 176 -4.18 -9.48 11.23
C GLY B 176 -5.42 -8.78 10.64
N VAL B 177 -6.53 -8.71 11.39
CA VAL B 177 -7.79 -8.15 10.88
C VAL B 177 -7.62 -6.71 10.42
N GLN B 178 -7.06 -5.86 11.30
CA GLN B 178 -6.91 -4.45 10.95
C GLN B 178 -5.97 -4.26 9.75
N GLU B 179 -4.92 -5.07 9.65
CA GLU B 179 -3.98 -4.99 8.56
C GLU B 179 -4.64 -5.38 7.25
N CYS B 180 -5.51 -6.40 7.26
CA CYS B 180 -6.21 -6.80 6.02
C CYS B 180 -7.12 -5.65 5.57
N ILE B 181 -7.85 -5.01 6.52
CA ILE B 181 -8.75 -3.92 6.15
C ILE B 181 -8.00 -2.80 5.43
N LEU B 182 -6.83 -2.39 6.01
CA LEU B 182 -6.09 -1.31 5.37
C LEU B 182 -5.38 -1.76 4.05
N LEU B 183 -4.94 -3.04 3.96
CA LEU B 183 -4.39 -3.52 2.67
C LEU B 183 -5.45 -3.40 1.57
N VAL B 184 -6.71 -3.71 1.90
CA VAL B 184 -7.78 -3.64 0.88
C VAL B 184 -8.07 -2.18 0.49
N THR B 185 -8.22 -1.28 1.50
CA THR B 185 -8.44 0.12 1.19
C THR B 185 -7.33 0.72 0.35
N GLN B 186 -6.08 0.32 0.63
CA GLN B 186 -4.96 0.88 -0.12
C GLN B 186 -4.77 0.25 -1.51
N ARG B 187 -5.46 -0.88 -1.81
CA ARG B 187 -5.17 -1.53 -3.11
C ARG B 187 -5.51 -0.64 -4.29
N ILE B 188 -6.67 0.03 -4.19
CA ILE B 188 -7.15 0.77 -5.35
C ILE B 188 -6.22 1.91 -5.77
N THR B 189 -5.55 2.54 -4.76
CA THR B 189 -4.63 3.61 -5.08
C THR B 189 -3.24 3.12 -5.51
N LYS B 190 -3.00 1.78 -5.57
CA LYS B 190 -1.74 1.31 -6.16
C LYS B 190 -1.86 1.23 -7.68
N TYR B 191 -3.08 1.14 -8.24
CA TYR B 191 -3.22 0.88 -9.68
C TYR B 191 -2.62 1.99 -10.54
N PRO B 192 -2.82 3.29 -10.25
CA PRO B 192 -2.24 4.31 -11.16
C PRO B 192 -0.73 4.25 -11.20
N LEU B 193 -0.11 3.97 -10.05
CA LEU B 193 1.35 3.89 -9.95
CA LEU B 193 1.36 3.92 -10.00
C LEU B 193 1.90 2.77 -10.87
N LEU B 194 1.26 1.61 -10.79
CA LEU B 194 1.68 0.46 -11.60
C LEU B 194 1.41 0.72 -13.09
N ILE B 195 0.21 1.24 -13.42
CA ILE B 195 -0.13 1.46 -14.84
C ILE B 195 0.74 2.52 -15.46
N SER B 196 1.05 3.61 -14.70
CA SER B 196 1.91 4.65 -15.24
CA SER B 196 1.92 4.65 -15.27
CA SER B 196 1.93 4.64 -15.25
C SER B 196 3.31 4.10 -15.57
N ARG B 197 3.86 3.22 -14.69
CA ARG B 197 5.19 2.69 -14.96
C ARG B 197 5.14 1.66 -16.12
N ILE B 198 4.04 0.89 -16.26
CA ILE B 198 3.93 0.00 -17.44
C ILE B 198 3.87 0.86 -18.71
N LEU B 199 3.10 1.94 -18.67
CA LEU B 199 2.97 2.84 -19.83
C LEU B 199 4.33 3.44 -20.22
N GLN B 200 5.16 3.82 -19.26
CA GLN B 200 6.49 4.37 -19.54
C GLN B 200 7.34 3.44 -20.42
N HIS B 201 7.09 2.12 -20.31
CA HIS B 201 7.85 1.16 -21.08
C HIS B 201 7.03 0.49 -22.19
N SER B 202 5.91 1.13 -22.61
CA SER B 202 5.02 0.54 -23.62
C SER B 202 4.86 1.43 -24.84
N HIS B 203 5.92 2.20 -25.18
CA HIS B 203 5.80 3.08 -26.35
C HIS B 203 6.05 2.41 -27.69
N GLY B 204 6.58 1.19 -27.70
CA GLY B 204 6.95 0.50 -28.93
C GLY B 204 5.82 0.22 -29.88
N ILE B 205 4.60 -0.03 -29.33
CA ILE B 205 3.41 -0.26 -30.14
CA ILE B 205 3.41 -0.28 -30.14
C ILE B 205 2.47 0.87 -29.80
N GLU B 206 2.21 1.78 -30.75
CA GLU B 206 1.35 2.94 -30.46
C GLU B 206 -0.06 2.58 -29.99
N GLU B 207 -0.67 1.48 -30.53
CA GLU B 207 -1.99 1.08 -30.02
C GLU B 207 -1.92 0.71 -28.52
N GLU B 208 -0.79 0.16 -28.06
CA GLU B 208 -0.66 -0.22 -26.65
C GLU B 208 -0.47 0.98 -25.78
N ARG B 209 0.37 1.92 -26.23
CA ARG B 209 0.56 3.18 -25.50
C ARG B 209 -0.80 3.91 -25.35
N GLN B 210 -1.58 3.96 -26.45
CA GLN B 210 -2.90 4.61 -26.36
C GLN B 210 -3.86 3.88 -25.41
N ASP B 211 -3.87 2.54 -25.48
CA ASP B 211 -4.79 1.79 -24.59
C ASP B 211 -4.42 1.92 -23.11
N LEU B 212 -3.13 1.96 -22.80
CA LEU B 212 -2.73 2.14 -21.38
C LEU B 212 -3.00 3.57 -20.93
N THR B 213 -2.92 4.56 -21.86
CA THR B 213 -3.25 5.93 -21.48
C THR B 213 -4.75 6.02 -21.16
N THR B 214 -5.60 5.37 -21.98
CA THR B 214 -7.03 5.33 -21.72
C THR B 214 -7.32 4.61 -20.38
N ALA B 215 -6.64 3.48 -20.11
CA ALA B 215 -6.87 2.78 -18.83
C ALA B 215 -6.47 3.61 -17.65
N LEU B 216 -5.34 4.34 -17.76
CA LEU B 216 -4.90 5.17 -16.63
C LEU B 216 -5.96 6.23 -16.31
N GLY B 217 -6.54 6.84 -17.34
CA GLY B 217 -7.57 7.84 -17.11
C GLY B 217 -8.80 7.22 -16.47
N LEU B 218 -9.21 6.02 -16.91
CA LEU B 218 -10.38 5.38 -16.32
C LEU B 218 -10.15 5.06 -14.83
N VAL B 219 -8.95 4.56 -14.48
CA VAL B 219 -8.67 4.24 -13.07
C VAL B 219 -8.71 5.52 -12.24
N LYS B 220 -8.14 6.63 -12.77
CA LYS B 220 -8.17 7.88 -11.95
C LYS B 220 -9.62 8.39 -11.83
N GLU B 221 -10.47 8.17 -12.85
CA GLU B 221 -11.89 8.59 -12.76
CA GLU B 221 -11.89 8.60 -12.76
C GLU B 221 -12.57 7.76 -11.67
N LEU B 222 -12.30 6.44 -11.61
CA LEU B 222 -12.89 5.57 -10.59
C LEU B 222 -12.46 6.07 -9.19
N LEU B 223 -11.15 6.32 -9.01
CA LEU B 223 -10.65 6.76 -7.70
C LEU B 223 -11.27 8.08 -7.27
N SER B 224 -11.42 9.04 -8.23
CA SER B 224 -12.03 10.32 -7.86
CA SER B 224 -12.03 10.31 -7.88
C SER B 224 -13.47 10.12 -7.43
N ASN B 225 -14.21 9.22 -8.10
CA ASN B 225 -15.61 8.96 -7.73
C ASN B 225 -15.72 8.29 -6.38
N VAL B 226 -14.84 7.29 -6.10
CA VAL B 226 -14.85 6.64 -4.81
C VAL B 226 -14.54 7.67 -3.69
N ASP B 227 -13.47 8.47 -3.90
CA ASP B 227 -13.06 9.45 -2.88
C ASP B 227 -14.19 10.44 -2.57
N GLU B 228 -14.92 10.88 -3.60
CA GLU B 228 -16.04 11.81 -3.38
C GLU B 228 -17.26 11.12 -2.72
N GLY B 229 -17.32 9.81 -2.77
CA GLY B 229 -18.46 9.07 -2.23
C GLY B 229 -18.27 8.53 -0.83
N ILE B 230 -17.17 8.89 -0.16
CA ILE B 230 -16.89 8.36 1.17
C ILE B 230 -17.33 9.31 2.29
N TYR B 231 -18.03 8.77 3.30
CA TYR B 231 -18.35 9.48 4.55
C TYR B 231 -18.31 8.39 5.61
N GLN B 232 -17.42 8.55 6.62
CA GLN B 232 -17.29 7.48 7.62
C GLN B 232 -18.47 7.28 8.49
N LEU B 233 -18.96 6.05 8.52
CA LEU B 233 -20.04 5.65 9.40
C LEU B 233 -19.45 5.47 10.80
N GLU B 234 -20.27 5.79 11.79
CA GLU B 234 -19.85 5.64 13.18
C GLU B 234 -20.98 5.07 13.99
N LYS B 235 -20.72 4.00 14.74
CA LYS B 235 -21.72 3.39 15.61
C LYS B 235 -22.19 4.42 16.64
N GLY B 236 -23.49 4.57 16.76
CA GLY B 236 -24.06 5.50 17.70
C GLY B 236 -24.06 6.95 17.28
N ALA B 237 -23.65 7.28 16.02
CA ALA B 237 -23.67 8.70 15.61
C ALA B 237 -25.14 9.11 15.44
N ARG B 238 -25.45 10.29 15.94
CA ARG B 238 -26.82 10.78 15.89
C ARG B 238 -27.07 11.51 14.60
N LEU B 239 -28.33 11.56 14.18
CA LEU B 239 -28.71 12.26 12.95
CA LEU B 239 -28.68 12.26 12.96
C LEU B 239 -28.19 13.72 12.93
N GLN B 240 -28.28 14.43 14.08
CA GLN B 240 -27.81 15.81 14.13
C GLN B 240 -26.35 15.95 13.79
N GLU B 241 -25.49 15.01 14.24
CA GLU B 241 -24.06 15.05 13.89
C GLU B 241 -23.88 14.86 12.39
N ILE B 242 -24.72 14.04 11.77
CA ILE B 242 -24.64 13.78 10.34
C ILE B 242 -25.13 14.95 9.52
N TYR B 243 -26.35 15.52 9.78
CA TYR B 243 -26.84 16.63 8.95
C TYR B 243 -26.08 17.93 9.22
N ASN B 244 -25.26 18.01 10.31
CA ASN B 244 -24.41 19.16 10.59
C ASN B 244 -22.99 18.93 10.03
N ARG B 245 -22.79 17.95 9.11
CA ARG B 245 -21.50 17.67 8.47
C ARG B 245 -21.03 18.93 7.73
S DMS C . 20.87 15.63 11.28
O DMS C . 20.88 17.16 11.53
C1 DMS C . 21.95 14.90 12.52
C2 DMS C . 21.94 15.42 9.84
C FMT D . 18.39 22.52 16.67
O1 FMT D . 18.77 21.67 17.48
O2 FMT D . 18.58 22.45 15.37
C FMT E . 10.90 2.99 -9.65
O1 FMT E . 9.98 3.41 -10.37
O2 FMT E . 10.75 2.09 -8.65
C FMT F . 7.54 -9.31 7.53
O1 FMT F . 6.45 -8.76 7.49
O2 FMT F . 7.83 -10.46 6.82
C FMT G . -1.02 8.99 20.89
O1 FMT G . -1.92 8.50 20.21
O2 FMT G . 0.18 8.39 21.11
C FMT H . -0.82 16.92 1.25
O1 FMT H . -0.71 17.94 0.58
O2 FMT H . -1.33 16.89 2.51
C FMT I . -9.52 12.55 14.31
O1 FMT I . -10.16 13.59 14.36
O2 FMT I . -8.61 12.15 15.25
C FMT J . -9.14 8.68 9.59
O1 FMT J . -8.28 8.78 10.46
O2 FMT J . -9.93 7.60 9.45
C10 Z4X K . -19.42 -9.12 -10.02
C15 Z4X K . -19.87 -7.87 -7.32
C01 Z4X K . -21.29 -6.14 -12.26
C02 Z4X K . -19.95 -6.87 -12.41
O03 Z4X K . -19.33 -6.95 -11.13
C04 Z4X K . -18.75 -8.20 -10.84
C05 Z4X K . -17.48 -8.50 -11.32
F06 Z4X K . -16.81 -7.60 -12.08
C07 Z4X K . -16.89 -9.72 -11.02
C08 Z4X K . -17.57 -10.66 -10.25
C09 Z4X K . -18.83 -10.34 -9.74
C11 Z4X K . -20.82 -8.82 -9.48
O12 Z4X K . -21.78 -9.10 -10.14
N13 Z4X K . -21.02 -8.21 -8.16
C14 Z4X K . -22.38 -7.96 -7.71
S DMS L . 3.31 -18.71 -28.00
O DMS L . 2.04 -18.20 -27.31
C1 DMS L . 4.65 -17.63 -27.45
C2 DMS L . 3.25 -18.18 -29.75
S DMS M . 7.17 -2.00 -25.43
O DMS M . 7.84 -0.70 -25.86
C1 DMS M . 8.53 -2.90 -24.69
C2 DMS M . 6.89 -3.01 -26.91
S DMS N . -10.95 -10.08 27.80
O DMS N . -10.57 -10.37 26.35
C1 DMS N . -9.44 -9.51 28.64
C2 DMS N . -11.02 -11.66 28.65
S DMS O . 18.24 -7.47 -21.70
O DMS O . 17.98 -8.91 -21.34
C1 DMS O . 19.40 -7.47 -23.10
C2 DMS O . 19.42 -6.82 -20.49
C FMT P . 1.67 -6.70 -30.31
O1 FMT P . 0.49 -6.89 -30.49
O2 FMT P . 2.17 -5.78 -29.47
C FMT Q . -1.00 -10.62 -24.91
O1 FMT Q . -1.30 -9.78 -24.13
O2 FMT Q . 0.14 -10.63 -25.56
C FMT R . -0.37 8.22 -12.10
O1 FMT R . -0.06 9.15 -12.87
O2 FMT R . 0.42 7.74 -11.12
C FMT S . -21.35 -3.50 -1.60
O1 FMT S . -21.80 -2.49 -2.11
O2 FMT S . -20.78 -4.49 -2.32
C FMT T . -13.37 3.18 -22.78
O1 FMT T . -13.35 4.38 -22.49
O2 FMT T . -14.29 2.29 -22.31
C FMT U . -24.39 2.55 10.89
O1 FMT U . -23.45 1.78 10.91
O2 FMT U . -24.31 3.77 10.47
C FMT V . 6.43 -7.24 -32.06
O1 FMT V . 6.70 -6.12 -31.64
O2 FMT V . 5.31 -7.92 -31.74
#